data_4U06
#
_entry.id   4U06
#
_cell.length_a   122.300
_cell.length_b   122.300
_cell.length_c   58.200
_cell.angle_alpha   90.00
_cell.angle_beta   90.00
_cell.angle_gamma   90.00
#
_symmetry.space_group_name_H-M   'P 42 21 2'
#
loop_
_entity.id
_entity.type
_entity.pdbx_description
1 polymer LIC10831
2 non-polymer 'ZINC ION'
3 non-polymer 'CHLORIDE ION'
4 water water
#
_entity_poly.entity_id   1
_entity_poly.type   'polypeptide(L)'
_entity_poly.pdbx_seq_one_letter_code
;TYRDLTKALQNPLEVRVLDLSRQELKTLPIEIGKLKNLQRLYLHYNQLTVLPQEIEQLKNLQLLYLRSNRLTTLPKEIEQ
LKNLQVLDLGSNQLTVLPQEIGQLKNLQLLYLHSNRLTTLSKDIEQLQNLKSLDLSNNQLTTLPNEIEQLKNLKSLYLSE
NQFATFPKEIGQLQNLKVLFLNNNQITILPNEIAKLKKLQYLYLSDNQLITLPKEIEQLKNLQTLDLSYNQL(MSE)ILP
KEVGQLENLQTLDLRNNQLKTLPKEIEQLKNLQTLFLSNNQLTILPQEIGKLKNLLWLSLVYNQLTTLPNEIEQLKNLQT
LYLNNNQFSSQEKKRIRKLLPKCQIYFD
;
_entity_poly.pdbx_strand_id   A
#
loop_
_chem_comp.id
_chem_comp.type
_chem_comp.name
_chem_comp.formula
CL non-polymer 'CHLORIDE ION' 'Cl -1'
ZN non-polymer 'ZINC ION' 'Zn 2'
#
# COMPACT_ATOMS: atom_id res chain seq x y z
N THR A 1 -0.63 -32.52 -3.59
CA THR A 1 -1.53 -31.52 -4.14
C THR A 1 -2.64 -32.18 -4.99
N TYR A 2 -3.90 -32.09 -4.53
CA TYR A 2 -5.08 -32.64 -5.19
C TYR A 2 -5.93 -31.52 -5.78
N ARG A 3 -6.55 -31.76 -6.94
CA ARG A 3 -7.42 -30.79 -7.61
C ARG A 3 -8.88 -31.25 -7.73
N ASP A 4 -9.12 -32.57 -7.53
CA ASP A 4 -10.45 -33.17 -7.57
C ASP A 4 -10.83 -33.77 -6.21
N LEU A 5 -12.00 -33.35 -5.70
CA LEU A 5 -12.54 -33.75 -4.40
C LEU A 5 -12.92 -35.23 -4.29
N THR A 6 -13.71 -35.74 -5.26
CA THR A 6 -14.15 -37.15 -5.31
CA THR A 6 -14.15 -37.15 -5.26
C THR A 6 -12.98 -38.11 -5.10
N LYS A 7 -11.85 -37.84 -5.78
CA LYS A 7 -10.60 -38.59 -5.74
C LYS A 7 -9.86 -38.41 -4.41
N ALA A 8 -9.92 -37.19 -3.86
CA ALA A 8 -9.32 -36.86 -2.56
C ALA A 8 -10.00 -37.62 -1.43
N LEU A 9 -11.33 -37.81 -1.53
CA LEU A 9 -12.21 -38.47 -0.57
C LEU A 9 -12.05 -40.01 -0.50
N GLN A 10 -11.57 -40.63 -1.59
CA GLN A 10 -11.37 -42.06 -1.66
C GLN A 10 -10.12 -42.46 -0.86
N ASN A 11 -9.09 -41.56 -0.82
CA ASN A 11 -7.86 -41.67 -0.04
C ASN A 11 -7.75 -40.40 0.87
N PRO A 12 -8.60 -40.28 1.93
CA PRO A 12 -8.67 -39.02 2.69
C PRO A 12 -7.46 -38.62 3.52
N LEU A 13 -6.78 -39.56 4.17
CA LEU A 13 -5.65 -39.24 5.04
C LEU A 13 -4.35 -38.88 4.31
N GLU A 14 -4.33 -39.01 2.96
CA GLU A 14 -3.17 -38.72 2.12
C GLU A 14 -3.09 -37.28 1.59
N VAL A 15 -4.24 -36.55 1.59
CA VAL A 15 -4.37 -35.18 1.06
C VAL A 15 -3.75 -34.11 1.96
N ARG A 16 -2.86 -33.28 1.40
CA ARG A 16 -2.18 -32.18 2.12
C ARG A 16 -2.55 -30.80 1.57
N VAL A 17 -2.74 -30.72 0.24
CA VAL A 17 -3.13 -29.49 -0.45
C VAL A 17 -4.31 -29.86 -1.32
N LEU A 18 -5.36 -29.03 -1.29
CA LEU A 18 -6.56 -29.27 -2.06
C LEU A 18 -6.96 -27.98 -2.78
N ASP A 19 -6.99 -28.05 -4.13
CA ASP A 19 -7.32 -26.92 -4.99
C ASP A 19 -8.63 -27.16 -5.72
N LEU A 20 -9.73 -26.60 -5.20
CA LEU A 20 -11.04 -26.74 -5.83
C LEU A 20 -11.44 -25.45 -6.54
N SER A 21 -10.45 -24.70 -7.05
CA SER A 21 -10.72 -23.44 -7.73
C SER A 21 -11.37 -23.63 -9.08
N ARG A 22 -12.21 -22.65 -9.48
CA ARG A 22 -12.88 -22.62 -10.79
C ARG A 22 -13.68 -23.89 -11.09
N GLN A 23 -14.45 -24.36 -10.09
CA GLN A 23 -15.24 -25.58 -10.19
C GLN A 23 -16.73 -25.32 -10.06
N GLU A 24 -17.12 -24.03 -10.01
CA GLU A 24 -18.51 -23.55 -9.89
C GLU A 24 -19.22 -24.12 -8.64
N LEU A 25 -18.53 -24.04 -7.50
CA LEU A 25 -19.03 -24.55 -6.22
C LEU A 25 -19.91 -23.53 -5.56
N LYS A 26 -21.16 -23.92 -5.30
CA LYS A 26 -22.15 -23.09 -4.60
C LYS A 26 -21.98 -23.30 -3.10
N THR A 27 -21.64 -24.55 -2.70
CA THR A 27 -21.39 -24.95 -1.32
C THR A 27 -20.17 -25.86 -1.28
N LEU A 28 -19.51 -25.90 -0.13
CA LEU A 28 -18.39 -26.77 0.18
C LEU A 28 -19.03 -28.03 0.78
N PRO A 29 -18.93 -29.20 0.08
CA PRO A 29 -19.55 -30.44 0.60
C PRO A 29 -19.03 -30.78 2.00
N ILE A 30 -19.91 -31.28 2.89
CA ILE A 30 -19.60 -31.56 4.29
C ILE A 30 -18.58 -32.69 4.49
N GLU A 31 -18.46 -33.58 3.46
CA GLU A 31 -17.53 -34.71 3.41
C GLU A 31 -16.07 -34.25 3.42
N ILE A 32 -15.84 -32.92 3.25
CA ILE A 32 -14.55 -32.24 3.30
C ILE A 32 -13.81 -32.46 4.65
N GLY A 33 -14.57 -32.69 5.73
CA GLY A 33 -14.05 -32.97 7.07
C GLY A 33 -13.19 -34.21 7.14
N LYS A 34 -13.42 -35.18 6.20
CA LYS A 34 -12.66 -36.43 6.11
C LYS A 34 -11.18 -36.24 5.84
N LEU A 35 -10.77 -35.06 5.33
CA LEU A 35 -9.37 -34.76 5.00
C LEU A 35 -8.61 -34.21 6.20
N LYS A 36 -8.41 -35.08 7.21
CA LYS A 36 -7.77 -34.77 8.50
C LYS A 36 -6.34 -34.17 8.44
N ASN A 37 -5.58 -34.50 7.41
CA ASN A 37 -4.20 -34.01 7.30
C ASN A 37 -4.03 -32.79 6.42
N LEU A 38 -5.16 -32.19 5.98
CA LEU A 38 -5.14 -31.02 5.10
C LEU A 38 -4.41 -29.84 5.71
N GLN A 39 -3.44 -29.27 4.94
CA GLN A 39 -2.64 -28.14 5.39
C GLN A 39 -2.96 -26.85 4.67
N ARG A 40 -3.30 -26.92 3.37
CA ARG A 40 -3.66 -25.72 2.62
C ARG A 40 -4.90 -26.04 1.82
N LEU A 41 -5.88 -25.15 1.90
CA LEU A 41 -7.15 -25.31 1.21
C LEU A 41 -7.38 -24.12 0.28
N TYR A 42 -7.49 -24.42 -1.03
CA TYR A 42 -7.68 -23.43 -2.09
C TYR A 42 -9.06 -23.56 -2.68
N LEU A 43 -9.90 -22.55 -2.45
CA LEU A 43 -11.29 -22.54 -2.95
C LEU A 43 -11.60 -21.29 -3.76
N HIS A 44 -10.57 -20.72 -4.43
CA HIS A 44 -10.76 -19.48 -5.16
C HIS A 44 -11.58 -19.59 -6.45
N TYR A 45 -12.19 -18.48 -6.85
CA TYR A 45 -12.99 -18.35 -8.08
C TYR A 45 -14.12 -19.39 -8.17
N ASN A 46 -14.98 -19.38 -7.14
CA ASN A 46 -16.18 -20.21 -7.04
C ASN A 46 -17.32 -19.27 -6.61
N GLN A 47 -18.49 -19.82 -6.26
CA GLN A 47 -19.64 -19.00 -5.85
C GLN A 47 -20.14 -19.35 -4.45
N LEU A 48 -19.20 -19.61 -3.51
CA LEU A 48 -19.47 -19.98 -2.12
C LEU A 48 -20.09 -18.83 -1.34
N THR A 49 -21.24 -19.08 -0.70
CA THR A 49 -21.95 -18.05 0.06
C THR A 49 -21.68 -18.21 1.57
N VAL A 50 -21.34 -19.43 2.03
CA VAL A 50 -20.99 -19.73 3.43
C VAL A 50 -19.96 -20.85 3.44
N LEU A 51 -19.30 -21.04 4.59
CA LEU A 51 -18.41 -22.17 4.83
C LEU A 51 -19.15 -23.08 5.81
N PRO A 52 -19.13 -24.42 5.64
CA PRO A 52 -19.87 -25.28 6.58
C PRO A 52 -19.11 -25.52 7.87
N GLN A 53 -19.83 -25.89 8.93
CA GLN A 53 -19.20 -26.15 10.23
C GLN A 53 -18.15 -27.25 10.21
N GLU A 54 -18.18 -28.16 9.22
CA GLU A 54 -17.23 -29.28 9.14
C GLU A 54 -15.79 -28.83 8.91
N ILE A 55 -15.56 -27.54 8.58
CA ILE A 55 -14.18 -27.05 8.50
C ILE A 55 -13.51 -27.21 9.88
N GLU A 56 -14.31 -27.38 10.97
CA GLU A 56 -13.73 -27.59 12.32
C GLU A 56 -12.87 -28.86 12.44
N GLN A 57 -13.14 -29.84 11.56
CA GLN A 57 -12.42 -31.11 11.50
C GLN A 57 -11.01 -30.98 10.91
N LEU A 58 -10.71 -29.84 10.24
CA LEU A 58 -9.43 -29.53 9.56
C LEU A 58 -8.40 -28.90 10.51
N LYS A 59 -8.02 -29.67 11.56
CA LYS A 59 -7.13 -29.25 12.65
C LYS A 59 -5.72 -28.83 12.22
N ASN A 60 -5.20 -29.42 11.14
CA ASN A 60 -3.84 -29.11 10.68
C ASN A 60 -3.79 -28.03 9.61
N LEU A 61 -4.92 -27.35 9.33
CA LEU A 61 -4.99 -26.31 8.32
C LEU A 61 -4.15 -25.11 8.68
N GLN A 62 -3.21 -24.77 7.79
CA GLN A 62 -2.30 -23.63 7.90
C GLN A 62 -2.70 -22.50 6.94
N LEU A 63 -3.35 -22.82 5.81
CA LEU A 63 -3.72 -21.79 4.85
C LEU A 63 -5.10 -22.02 4.28
N LEU A 64 -5.89 -20.94 4.24
CA LEU A 64 -7.26 -20.97 3.73
C LEU A 64 -7.41 -19.82 2.76
N TYR A 65 -7.50 -20.17 1.48
CA TYR A 65 -7.54 -19.22 0.38
C TYR A 65 -8.90 -19.24 -0.31
N LEU A 66 -9.67 -18.19 -0.05
CA LEU A 66 -11.05 -18.06 -0.54
C LEU A 66 -11.27 -16.85 -1.46
N ARG A 67 -10.21 -16.46 -2.20
CA ARG A 67 -10.24 -15.34 -3.13
C ARG A 67 -11.38 -15.52 -4.14
N SER A 68 -12.18 -14.48 -4.35
CA SER A 68 -13.27 -14.46 -5.33
C SER A 68 -14.35 -15.55 -5.09
N ASN A 69 -15.18 -15.29 -4.10
CA ASN A 69 -16.37 -16.07 -3.75
C ASN A 69 -17.41 -15.04 -3.35
N ARG A 70 -18.56 -15.47 -2.81
CA ARG A 70 -19.65 -14.59 -2.42
C ARG A 70 -19.94 -14.65 -0.91
N LEU A 71 -18.87 -14.82 -0.10
CA LEU A 71 -18.98 -14.94 1.35
C LEU A 71 -19.44 -13.67 2.02
N THR A 72 -20.38 -13.79 2.95
CA THR A 72 -20.93 -12.64 3.68
C THR A 72 -20.45 -12.60 5.14
N THR A 73 -20.05 -13.77 5.68
N THR A 73 -20.15 -13.80 5.71
CA THR A 73 -19.46 -13.92 7.02
CA THR A 73 -19.73 -14.07 7.08
C THR A 73 -18.69 -15.25 7.09
C THR A 73 -18.80 -15.30 7.13
N LEU A 74 -18.02 -15.48 8.23
CA LEU A 74 -17.22 -16.68 8.47
C LEU A 74 -17.95 -17.47 9.58
N PRO A 75 -17.93 -18.82 9.55
CA PRO A 75 -18.62 -19.57 10.62
C PRO A 75 -17.85 -19.53 11.94
N LYS A 76 -18.56 -19.68 13.08
CA LYS A 76 -17.98 -19.68 14.43
C LYS A 76 -16.83 -20.71 14.54
N GLU A 77 -16.94 -21.85 13.82
CA GLU A 77 -15.96 -22.95 13.80
C GLU A 77 -14.56 -22.52 13.39
N ILE A 78 -14.44 -21.40 12.64
CA ILE A 78 -13.10 -20.88 12.27
C ILE A 78 -12.20 -20.79 13.52
N GLU A 79 -12.79 -20.59 14.74
CA GLU A 79 -12.04 -20.49 15.99
C GLU A 79 -11.23 -21.75 16.32
N GLN A 80 -11.62 -22.89 15.75
CA GLN A 80 -10.98 -24.19 15.96
C GLN A 80 -9.75 -24.41 15.05
N LEU A 81 -9.55 -23.53 14.05
CA LEU A 81 -8.40 -23.62 13.14
C LEU A 81 -7.20 -22.93 13.80
N LYS A 82 -6.74 -23.51 14.92
CA LYS A 82 -5.66 -22.98 15.77
C LYS A 82 -4.33 -22.78 15.05
N ASN A 83 -4.02 -23.64 14.08
CA ASN A 83 -2.76 -23.58 13.32
C ASN A 83 -2.82 -22.72 12.08
N LEU A 84 -3.96 -22.05 11.82
CA LEU A 84 -4.10 -21.22 10.61
C LEU A 84 -3.16 -20.01 10.61
N GLN A 85 -2.31 -19.89 9.57
CA GLN A 85 -1.34 -18.80 9.47
C GLN A 85 -1.73 -17.77 8.43
N VAL A 86 -2.36 -18.20 7.34
CA VAL A 86 -2.79 -17.31 6.27
CA VAL A 86 -2.79 -17.32 6.26
C VAL A 86 -4.29 -17.50 6.01
N LEU A 87 -5.05 -16.39 6.07
CA LEU A 87 -6.48 -16.43 5.77
C LEU A 87 -6.75 -15.40 4.65
N ASP A 88 -7.13 -15.88 3.45
CA ASP A 88 -7.41 -14.97 2.34
C ASP A 88 -8.89 -14.92 1.98
N LEU A 89 -9.50 -13.78 2.27
CA LEU A 89 -10.92 -13.51 2.03
C LEU A 89 -11.12 -12.39 0.98
N GLY A 90 -10.14 -12.26 0.09
CA GLY A 90 -10.18 -11.26 -0.97
C GLY A 90 -11.27 -11.51 -1.98
N SER A 91 -11.86 -10.40 -2.49
CA SER A 91 -12.92 -10.39 -3.51
C SER A 91 -14.14 -11.23 -3.10
N ASN A 92 -14.67 -10.89 -1.94
CA ASN A 92 -15.88 -11.49 -1.33
C ASN A 92 -16.86 -10.36 -0.96
N GLN A 93 -17.90 -10.65 -0.16
CA GLN A 93 -18.93 -9.66 0.19
C GLN A 93 -19.13 -9.55 1.70
N LEU A 94 -18.01 -9.66 2.45
CA LEU A 94 -18.00 -9.62 3.92
CA LEU A 94 -17.98 -9.60 3.91
C LEU A 94 -18.35 -8.23 4.44
N THR A 95 -19.40 -8.16 5.26
CA THR A 95 -19.87 -6.92 5.88
C THR A 95 -19.22 -6.80 7.26
N VAL A 96 -18.99 -7.97 7.92
CA VAL A 96 -18.37 -8.07 9.25
C VAL A 96 -17.52 -9.33 9.42
N LEU A 97 -16.50 -9.21 10.29
CA LEU A 97 -15.65 -10.31 10.70
C LEU A 97 -16.23 -10.82 12.01
N PRO A 98 -16.42 -12.15 12.17
CA PRO A 98 -16.96 -12.65 13.45
C PRO A 98 -15.91 -12.57 14.55
N GLN A 99 -16.34 -12.42 15.82
CA GLN A 99 -15.46 -12.32 16.99
C GLN A 99 -14.42 -13.45 17.06
N GLU A 100 -14.74 -14.59 16.42
CA GLU A 100 -13.89 -15.77 16.37
C GLU A 100 -12.62 -15.55 15.51
N ILE A 101 -12.54 -14.43 14.76
CA ILE A 101 -11.33 -14.06 14.02
C ILE A 101 -10.17 -13.86 15.02
N GLY A 102 -10.49 -13.36 16.22
CA GLY A 102 -9.52 -13.16 17.29
C GLY A 102 -8.97 -14.45 17.88
N GLN A 103 -9.58 -15.61 17.54
CA GLN A 103 -9.11 -16.91 18.05
C GLN A 103 -8.01 -17.54 17.22
N LEU A 104 -7.77 -17.01 16.00
CA LEU A 104 -6.72 -17.50 15.11
C LEU A 104 -5.38 -16.91 15.57
N LYS A 105 -4.86 -17.41 16.71
CA LYS A 105 -3.65 -16.88 17.36
C LYS A 105 -2.37 -16.97 16.50
N ASN A 106 -2.28 -17.97 15.59
CA ASN A 106 -1.10 -18.18 14.73
C ASN A 106 -1.15 -17.42 13.38
N LEU A 107 -2.20 -16.61 13.14
CA LEU A 107 -2.35 -15.85 11.90
C LEU A 107 -1.25 -14.81 11.69
N GLN A 108 -0.63 -14.84 10.52
CA GLN A 108 0.47 -13.98 10.05
C GLN A 108 0.01 -13.02 8.97
N LEU A 109 -0.87 -13.50 8.08
CA LEU A 109 -1.42 -12.74 6.98
C LEU A 109 -2.94 -12.83 6.97
N LEU A 110 -3.62 -11.67 6.98
CA LEU A 110 -5.06 -11.57 6.83
C LEU A 110 -5.33 -10.63 5.65
N TYR A 111 -5.88 -11.20 4.56
CA TYR A 111 -6.11 -10.52 3.29
C TYR A 111 -7.61 -10.31 3.07
N LEU A 112 -8.02 -9.06 3.14
CA LEU A 112 -9.44 -8.66 2.99
C LEU A 112 -9.65 -7.63 1.86
N HIS A 113 -8.68 -7.56 0.90
CA HIS A 113 -8.75 -6.65 -0.24
C HIS A 113 -10.02 -6.93 -1.04
N SER A 114 -10.90 -5.92 -1.16
CA SER A 114 -12.18 -5.95 -1.88
C SER A 114 -13.28 -6.75 -1.14
N ASN A 115 -13.92 -6.11 -0.18
CA ASN A 115 -15.06 -6.64 0.57
C ASN A 115 -16.05 -5.49 0.84
N ARG A 116 -16.94 -5.64 1.85
CA ARG A 116 -17.96 -4.64 2.18
C ARG A 116 -17.89 -4.24 3.67
N LEU A 117 -16.68 -4.31 4.26
CA LEU A 117 -16.43 -4.00 5.66
C LEU A 117 -16.58 -2.51 5.95
N THR A 118 -17.47 -2.18 6.91
CA THR A 118 -17.73 -0.79 7.29
C THR A 118 -16.96 -0.42 8.56
N THR A 119 -16.51 -1.43 9.33
CA THR A 119 -15.68 -1.26 10.53
C THR A 119 -14.69 -2.44 10.59
N LEU A 120 -13.59 -2.29 11.31
CA LEU A 120 -12.66 -3.39 11.52
C LEU A 120 -12.94 -3.93 12.93
N SER A 121 -13.11 -5.27 13.02
CA SER A 121 -13.38 -6.01 14.26
C SER A 121 -12.41 -5.62 15.38
N LYS A 122 -12.95 -5.27 16.56
CA LYS A 122 -12.18 -4.89 17.75
C LYS A 122 -11.33 -6.08 18.26
N ASP A 123 -11.70 -7.31 17.90
CA ASP A 123 -10.96 -8.51 18.29
C ASP A 123 -9.68 -8.76 17.43
N ILE A 124 -9.24 -7.74 16.65
CA ILE A 124 -8.02 -7.79 15.86
C ILE A 124 -6.78 -7.79 16.79
N GLU A 125 -6.90 -7.20 18.01
CA GLU A 125 -5.86 -7.07 19.05
C GLU A 125 -5.28 -8.41 19.52
N GLN A 126 -6.08 -9.49 19.42
CA GLN A 126 -5.70 -10.84 19.82
CA GLN A 126 -5.69 -10.83 19.82
C GLN A 126 -4.76 -11.47 18.80
N LEU A 127 -4.72 -10.94 17.57
CA LEU A 127 -3.87 -11.45 16.50
C LEU A 127 -2.44 -10.94 16.61
N GLN A 128 -1.73 -11.40 17.67
CA GLN A 128 -0.37 -10.95 17.96
C GLN A 128 0.70 -11.46 17.00
N ASN A 129 0.44 -12.53 16.23
CA ASN A 129 1.41 -13.03 15.23
C ASN A 129 1.23 -12.36 13.85
N LEU A 130 0.15 -11.55 13.68
CA LEU A 130 -0.20 -10.84 12.43
C LEU A 130 0.90 -9.87 12.00
N LYS A 131 1.42 -10.07 10.79
CA LYS A 131 2.48 -9.24 10.23
C LYS A 131 2.01 -8.43 9.03
N SER A 132 0.98 -8.93 8.32
CA SER A 132 0.41 -8.25 7.15
C SER A 132 -1.11 -8.18 7.22
N LEU A 133 -1.65 -6.97 7.09
CA LEU A 133 -3.09 -6.75 7.14
C LEU A 133 -3.57 -5.95 5.94
N ASP A 134 -4.30 -6.59 5.05
CA ASP A 134 -4.82 -5.89 3.86
C ASP A 134 -6.32 -5.62 3.93
N LEU A 135 -6.69 -4.34 4.15
CA LEU A 135 -8.07 -3.88 4.24
C LEU A 135 -8.46 -2.94 3.09
N SER A 136 -7.76 -3.04 1.96
CA SER A 136 -8.05 -2.24 0.78
C SER A 136 -9.41 -2.52 0.14
N ASN A 137 -9.99 -1.52 -0.50
CA ASN A 137 -11.27 -1.61 -1.21
C ASN A 137 -12.42 -2.14 -0.31
N ASN A 138 -12.63 -1.45 0.78
CA ASN A 138 -13.70 -1.67 1.76
C ASN A 138 -14.37 -0.31 2.00
N GLN A 139 -15.21 -0.16 3.05
CA GLN A 139 -15.86 1.12 3.32
C GLN A 139 -15.53 1.67 4.70
N LEU A 140 -14.26 1.51 5.13
CA LEU A 140 -13.78 1.98 6.44
C LEU A 140 -13.60 3.47 6.47
N THR A 141 -14.02 4.09 7.57
CA THR A 141 -13.90 5.52 7.81
C THR A 141 -12.99 5.74 8.99
N THR A 142 -12.80 4.68 9.82
CA THR A 142 -11.96 4.71 11.04
C THR A 142 -11.32 3.34 11.28
N LEU A 143 -10.41 3.28 12.27
CA LEU A 143 -9.78 2.05 12.78
C LEU A 143 -10.08 1.91 14.30
N PRO A 144 -10.31 0.68 14.79
CA PRO A 144 -10.61 0.52 16.24
C PRO A 144 -9.40 0.82 17.08
N ASN A 145 -9.62 1.32 18.29
CA ASN A 145 -8.54 1.62 19.22
C ASN A 145 -7.69 0.36 19.51
N GLU A 146 -8.29 -0.84 19.39
CA GLU A 146 -7.64 -2.14 19.63
C GLU A 146 -6.53 -2.50 18.63
N ILE A 147 -6.53 -1.90 17.42
CA ILE A 147 -5.47 -2.13 16.42
C ILE A 147 -4.10 -1.64 16.94
N GLU A 148 -4.12 -0.72 17.92
CA GLU A 148 -2.92 -0.15 18.53
C GLU A 148 -2.08 -1.21 19.26
N GLN A 149 -2.70 -2.37 19.56
CA GLN A 149 -2.07 -3.52 20.25
C GLN A 149 -1.21 -4.37 19.29
N LEU A 150 -1.38 -4.19 17.96
CA LEU A 150 -0.64 -4.94 16.94
C LEU A 150 0.75 -4.34 16.68
N LYS A 151 1.60 -4.39 17.72
CA LYS A 151 2.97 -3.86 17.72
C LYS A 151 3.90 -4.55 16.75
N ASN A 152 3.59 -5.79 16.35
CA ASN A 152 4.42 -6.57 15.41
C ASN A 152 3.98 -6.48 13.95
N LEU A 153 2.88 -5.76 13.64
CA LEU A 153 2.40 -5.63 12.25
C LEU A 153 3.45 -4.87 11.40
N LYS A 154 3.80 -5.39 10.23
CA LYS A 154 4.81 -4.77 9.38
C LYS A 154 4.26 -4.09 8.13
N SER A 155 3.13 -4.60 7.61
CA SER A 155 2.46 -4.14 6.39
C SER A 155 0.98 -3.93 6.65
N LEU A 156 0.49 -2.74 6.27
CA LEU A 156 -0.92 -2.36 6.41
C LEU A 156 -1.38 -1.63 5.14
N TYR A 157 -2.44 -2.16 4.53
CA TYR A 157 -3.04 -1.70 3.27
C TYR A 157 -4.43 -1.19 3.56
N LEU A 158 -4.63 0.10 3.30
CA LEU A 158 -5.90 0.76 3.57
C LEU A 158 -6.34 1.63 2.39
N SER A 159 -5.88 1.27 1.18
CA SER A 159 -6.21 1.99 -0.05
C SER A 159 -7.69 1.76 -0.42
N GLU A 160 -8.31 2.69 -1.15
CA GLU A 160 -9.70 2.56 -1.64
C GLU A 160 -10.71 2.33 -0.51
N ASN A 161 -10.69 3.22 0.46
CA ASN A 161 -11.64 3.17 1.58
C ASN A 161 -12.30 4.53 1.70
N GLN A 162 -12.95 4.82 2.84
CA GLN A 162 -13.65 6.07 3.04
C GLN A 162 -13.00 6.90 4.13
N PHE A 163 -11.65 6.95 4.13
CA PHE A 163 -10.93 7.74 5.12
C PHE A 163 -10.87 9.20 4.72
N ALA A 164 -11.66 10.05 5.41
CA ALA A 164 -11.65 11.51 5.24
C ALA A 164 -10.61 12.07 6.23
N THR A 165 -10.30 11.29 7.29
CA THR A 165 -9.32 11.62 8.33
C THR A 165 -8.31 10.48 8.42
N PHE A 166 -7.04 10.82 8.67
CA PHE A 166 -5.99 9.84 8.86
C PHE A 166 -6.22 9.22 10.27
N PRO A 167 -6.45 7.89 10.36
CA PRO A 167 -6.66 7.26 11.70
C PRO A 167 -5.40 7.30 12.56
N LYS A 168 -5.48 8.04 13.68
CA LYS A 168 -4.37 8.24 14.60
C LYS A 168 -3.81 6.93 15.20
N GLU A 169 -4.63 5.86 15.21
CA GLU A 169 -4.26 4.54 15.72
C GLU A 169 -3.00 3.96 15.02
N ILE A 170 -2.77 4.38 13.75
CA ILE A 170 -1.59 3.99 12.95
C ILE A 170 -0.27 4.39 13.63
N GLY A 171 -0.28 5.52 14.32
CA GLY A 171 0.87 6.03 15.08
C GLY A 171 1.43 5.06 16.09
N GLN A 172 0.60 4.12 16.62
CA GLN A 172 1.05 3.12 17.60
C GLN A 172 1.64 1.87 16.95
N LEU A 173 1.52 1.75 15.62
CA LEU A 173 2.03 0.59 14.87
C LEU A 173 3.52 0.80 14.54
N GLN A 174 4.33 0.77 15.61
CA GLN A 174 5.78 1.00 15.67
C GLN A 174 6.64 0.21 14.69
N ASN A 175 6.20 -0.98 14.28
CA ASN A 175 6.99 -1.85 13.40
C ASN A 175 6.59 -1.80 11.93
N LEU A 176 5.65 -0.89 11.56
CA LEU A 176 5.24 -0.76 10.17
C LEU A 176 6.39 -0.34 9.28
N LYS A 177 6.59 -1.07 8.17
CA LYS A 177 7.56 -0.73 7.11
C LYS A 177 6.82 -0.28 5.85
N VAL A 178 5.58 -0.76 5.66
CA VAL A 178 4.77 -0.46 4.47
C VAL A 178 3.40 0.05 4.91
N LEU A 179 2.99 1.19 4.32
CA LEU A 179 1.66 1.72 4.56
C LEU A 179 1.07 2.26 3.28
N PHE A 180 -0.04 1.67 2.87
CA PHE A 180 -0.83 2.08 1.70
C PHE A 180 -2.10 2.76 2.14
N LEU A 181 -2.29 3.98 1.68
CA LEU A 181 -3.48 4.78 1.95
C LEU A 181 -3.96 5.49 0.69
N ASN A 182 -3.65 4.90 -0.46
CA ASN A 182 -4.04 5.41 -1.77
C ASN A 182 -5.55 5.46 -1.92
N ASN A 183 -6.08 6.39 -2.74
N ASN A 183 -6.06 6.41 -2.73
CA ASN A 183 -7.51 6.52 -3.06
CA ASN A 183 -7.49 6.50 -3.08
C ASN A 183 -8.41 6.64 -1.81
C ASN A 183 -8.42 6.65 -1.85
N ASN A 184 -8.15 7.65 -1.00
CA ASN A 184 -8.95 7.98 0.18
C ASN A 184 -9.28 9.46 0.06
N GLN A 185 -9.81 10.08 1.11
CA GLN A 185 -10.21 11.49 1.07
C GLN A 185 -9.49 12.31 2.15
N ILE A 186 -8.25 11.92 2.46
CA ILE A 186 -7.43 12.57 3.48
C ILE A 186 -6.95 13.94 3.04
N THR A 187 -7.16 14.95 3.90
CA THR A 187 -6.79 16.34 3.64
CA THR A 187 -6.75 16.34 3.62
C THR A 187 -5.52 16.74 4.41
N ILE A 188 -5.32 16.14 5.60
CA ILE A 188 -4.18 16.43 6.48
C ILE A 188 -3.41 15.15 6.84
N LEU A 189 -2.08 15.24 6.79
CA LEU A 189 -1.22 14.14 7.23
C LEU A 189 -0.74 14.54 8.63
N PRO A 190 -1.25 13.95 9.72
CA PRO A 190 -0.86 14.41 11.07
C PRO A 190 0.52 13.93 11.50
N ASN A 191 1.07 14.52 12.56
CA ASN A 191 2.38 14.14 13.09
C ASN A 191 2.50 12.67 13.62
N GLU A 192 1.38 11.91 13.75
CA GLU A 192 1.39 10.49 14.16
C GLU A 192 2.19 9.63 13.14
N ILE A 193 2.33 10.13 11.90
CA ILE A 193 3.09 9.41 10.84
C ILE A 193 4.58 9.31 11.24
N ALA A 194 5.10 10.33 11.93
CA ALA A 194 6.49 10.49 12.35
C ALA A 194 6.92 9.48 13.40
N LYS A 195 5.96 8.82 14.05
CA LYS A 195 6.24 7.80 15.06
C LYS A 195 6.68 6.48 14.39
N LEU A 196 6.42 6.31 13.07
CA LEU A 196 6.75 5.08 12.33
C LEU A 196 8.21 5.12 11.87
N LYS A 197 9.17 4.89 12.81
CA LYS A 197 10.61 4.98 12.54
C LYS A 197 11.14 3.96 11.54
N LYS A 198 10.46 2.83 11.38
CA LYS A 198 10.91 1.81 10.46
C LYS A 198 10.24 1.92 9.08
N LEU A 199 9.33 2.90 8.92
CA LEU A 199 8.57 3.06 7.68
C LEU A 199 9.48 3.34 6.50
N GLN A 200 9.40 2.45 5.49
CA GLN A 200 10.22 2.51 4.26
C GLN A 200 9.41 2.95 3.05
N TYR A 201 8.13 2.58 2.99
CA TYR A 201 7.30 2.90 1.82
C TYR A 201 6.00 3.45 2.28
N LEU A 202 5.68 4.66 1.78
CA LEU A 202 4.43 5.32 2.14
C LEU A 202 3.70 5.74 0.87
N TYR A 203 2.47 5.31 0.74
CA TYR A 203 1.62 5.58 -0.43
C TYR A 203 0.38 6.34 -0.03
N LEU A 204 0.30 7.61 -0.48
CA LEU A 204 -0.82 8.50 -0.19
C LEU A 204 -1.36 9.10 -1.49
N SER A 205 -1.21 8.37 -2.61
CA SER A 205 -1.66 8.81 -3.94
C SER A 205 -3.15 8.96 -3.97
N ASP A 206 -3.65 9.98 -4.66
CA ASP A 206 -5.08 10.15 -4.84
C ASP A 206 -5.81 10.42 -3.51
N ASN A 207 -5.42 11.48 -2.81
CA ASN A 207 -6.10 11.95 -1.61
C ASN A 207 -6.41 13.43 -1.87
N GLN A 208 -6.56 14.27 -0.82
CA GLN A 208 -6.84 15.69 -0.98
C GLN A 208 -5.87 16.49 -0.11
N LEU A 209 -4.61 16.01 -0.03
CA LEU A 209 -3.58 16.59 0.80
C LEU A 209 -3.15 18.01 0.42
N ILE A 210 -3.16 18.92 1.41
CA ILE A 210 -2.76 20.32 1.26
C ILE A 210 -1.41 20.48 1.94
N THR A 211 -1.30 19.99 3.17
CA THR A 211 -0.08 20.13 3.96
C THR A 211 0.45 18.80 4.51
N LEU A 212 1.79 18.70 4.48
CA LEU A 212 2.57 17.62 5.07
C LEU A 212 3.08 18.18 6.41
N PRO A 213 3.16 17.37 7.51
CA PRO A 213 3.67 17.92 8.78
C PRO A 213 5.18 18.14 8.77
N LYS A 214 5.70 19.06 9.63
CA LYS A 214 7.15 19.27 9.71
C LYS A 214 7.84 18.04 10.31
N GLU A 215 7.09 17.23 11.08
CA GLU A 215 7.55 15.99 11.72
C GLU A 215 7.87 14.85 10.69
N ILE A 216 7.59 15.08 9.37
CA ILE A 216 7.93 14.13 8.30
C ILE A 216 9.45 13.84 8.30
N GLU A 217 10.25 14.81 8.80
CA GLU A 217 11.73 14.77 8.89
C GLU A 217 12.28 13.61 9.70
N GLN A 218 11.47 13.08 10.62
CA GLN A 218 11.75 11.94 11.49
C GLN A 218 11.77 10.59 10.73
N LEU A 219 11.17 10.56 9.52
CA LEU A 219 11.10 9.35 8.70
C LEU A 219 12.44 9.06 7.94
N LYS A 220 13.50 8.74 8.72
CA LYS A 220 14.86 8.48 8.22
C LYS A 220 15.04 7.18 7.43
N ASN A 221 14.10 6.21 7.56
CA ASN A 221 14.15 4.95 6.81
CA ASN A 221 14.13 4.94 6.83
C ASN A 221 13.27 4.98 5.57
N LEU A 222 12.50 6.07 5.38
CA LEU A 222 11.63 6.26 4.21
C LEU A 222 12.39 6.29 2.89
N GLN A 223 12.09 5.31 2.00
CA GLN A 223 12.72 5.18 0.69
C GLN A 223 11.75 5.57 -0.44
N THR A 224 10.44 5.37 -0.25
CA THR A 224 9.45 5.76 -1.27
C THR A 224 8.36 6.57 -0.67
N LEU A 225 8.12 7.74 -1.26
CA LEU A 225 7.03 8.59 -0.82
C LEU A 225 6.15 8.88 -2.04
N ASP A 226 4.92 8.36 -2.05
CA ASP A 226 4.01 8.64 -3.17
C ASP A 226 2.89 9.58 -2.74
N LEU A 227 3.00 10.83 -3.21
CA LEU A 227 2.07 11.91 -2.92
C LEU A 227 1.39 12.39 -4.20
N SER A 228 1.40 11.54 -5.24
CA SER A 228 0.81 11.89 -6.54
C SER A 228 -0.69 12.10 -6.43
N TYR A 229 -1.27 12.93 -7.31
CA TYR A 229 -2.71 13.19 -7.33
C TYR A 229 -3.27 13.69 -6.00
N ASN A 230 -2.70 14.80 -5.52
CA ASN A 230 -3.17 15.44 -4.29
C ASN A 230 -3.46 16.94 -4.55
N GLN A 231 -3.46 17.78 -3.51
CA GLN A 231 -3.73 19.20 -3.66
C GLN A 231 -2.59 20.03 -3.14
N LEU A 232 -1.36 19.46 -3.09
CA LEU A 232 -0.21 20.15 -2.51
C LEU A 232 0.19 21.41 -3.23
N MSE A 233 0.20 22.51 -2.48
CA MSE A 233 0.55 23.83 -3.00
CA MSE A 233 0.57 23.81 -3.02
C MSE A 233 1.95 24.18 -2.54
O MSE A 233 2.68 24.88 -3.23
CB MSE A 233 -0.47 24.88 -2.49
CB MSE A 233 -0.43 24.87 -2.54
CG MSE A 233 -1.89 24.72 -3.06
CG MSE A 233 -1.74 24.83 -3.28
SE MSE A 233 -3.29 25.65 -2.01
SE MSE A 233 -2.60 26.53 -3.03
CE MSE A 233 -2.47 27.46 -1.96
CE MSE A 233 -3.25 26.30 -1.21
N ILE A 234 2.30 23.68 -1.36
CA ILE A 234 3.61 23.93 -0.76
C ILE A 234 4.22 22.64 -0.22
N LEU A 235 5.51 22.45 -0.49
CA LEU A 235 6.25 21.31 0.03
C LEU A 235 7.08 21.82 1.21
N PRO A 236 6.86 21.42 2.48
CA PRO A 236 7.66 21.96 3.58
C PRO A 236 9.16 21.66 3.44
N LYS A 237 10.02 22.54 3.95
CA LYS A 237 11.47 22.34 3.85
C LYS A 237 11.93 20.99 4.49
N GLU A 238 11.13 20.45 5.44
CA GLU A 238 11.46 19.24 6.18
C GLU A 238 11.48 17.98 5.28
N VAL A 239 10.79 18.00 4.12
CA VAL A 239 10.82 16.92 3.12
C VAL A 239 12.31 16.63 2.71
N GLY A 240 13.17 17.66 2.76
CA GLY A 240 14.59 17.56 2.44
C GLY A 240 15.40 16.79 3.46
N GLN A 241 14.80 16.44 4.62
CA GLN A 241 15.43 15.68 5.73
C GLN A 241 15.22 14.17 5.59
N LEU A 242 14.47 13.74 4.57
CA LEU A 242 14.21 12.32 4.30
C LEU A 242 15.48 11.75 3.64
N GLU A 243 16.53 11.53 4.48
CA GLU A 243 17.86 11.12 4.01
C GLU A 243 17.88 9.84 3.15
N ASN A 244 17.05 8.84 3.42
CA ASN A 244 17.01 7.56 2.66
C ASN A 244 16.09 7.54 1.45
N LEU A 245 15.40 8.65 1.19
CA LEU A 245 14.42 8.73 0.09
C LEU A 245 15.06 8.49 -1.27
N GLN A 246 14.54 7.52 -1.99
CA GLN A 246 15.02 7.15 -3.33
C GLN A 246 14.05 7.57 -4.42
N THR A 247 12.76 7.45 -4.14
CA THR A 247 11.69 7.81 -5.07
C THR A 247 10.72 8.78 -4.41
N LEU A 248 10.47 9.89 -5.08
CA LEU A 248 9.50 10.90 -4.65
C LEU A 248 8.56 11.21 -5.80
N ASP A 249 7.29 10.82 -5.64
CA ASP A 249 6.27 11.06 -6.66
C ASP A 249 5.37 12.20 -6.19
N LEU A 250 5.53 13.35 -6.84
CA LEU A 250 4.77 14.57 -6.56
C LEU A 250 3.95 15.04 -7.77
N ARG A 251 3.77 14.15 -8.77
CA ARG A 251 3.00 14.46 -9.97
C ARG A 251 1.57 14.80 -9.61
N ASN A 252 0.95 15.64 -10.44
CA ASN A 252 -0.44 16.00 -10.29
C ASN A 252 -0.76 16.63 -8.93
N ASN A 253 -0.12 17.75 -8.65
CA ASN A 253 -0.35 18.56 -7.47
C ASN A 253 -0.46 20.03 -7.92
N GLN A 254 -0.29 21.01 -7.00
CA GLN A 254 -0.35 22.43 -7.36
C GLN A 254 0.91 23.18 -6.87
N LEU A 255 2.08 22.52 -6.92
CA LEU A 255 3.33 23.13 -6.45
C LEU A 255 3.87 24.25 -7.35
N LYS A 256 4.24 25.39 -6.76
CA LYS A 256 4.79 26.52 -7.49
C LYS A 256 6.30 26.50 -7.55
N THR A 257 6.90 25.98 -6.48
CA THR A 257 8.35 25.97 -6.27
C THR A 257 8.75 24.73 -5.49
N LEU A 258 10.06 24.46 -5.42
CA LEU A 258 10.61 23.41 -4.59
C LEU A 258 11.49 24.08 -3.53
N PRO A 259 11.44 23.67 -2.23
CA PRO A 259 12.34 24.30 -1.23
C PRO A 259 13.80 23.98 -1.56
N LYS A 260 14.73 24.89 -1.22
CA LYS A 260 16.15 24.68 -1.49
C LYS A 260 16.74 23.50 -0.72
N GLU A 261 16.05 23.06 0.35
CA GLU A 261 16.44 21.94 1.21
C GLU A 261 16.39 20.60 0.47
N ILE A 262 15.77 20.56 -0.74
CA ILE A 262 15.76 19.33 -1.59
C ILE A 262 17.19 18.86 -1.83
N GLU A 263 18.19 19.79 -1.73
CA GLU A 263 19.61 19.51 -1.93
C GLU A 263 20.13 18.45 -0.96
N GLN A 264 19.40 18.23 0.15
CA GLN A 264 19.78 17.28 1.19
C GLN A 264 19.38 15.82 0.85
N LEU A 265 18.61 15.65 -0.24
CA LEU A 265 18.12 14.33 -0.70
C LEU A 265 19.16 13.63 -1.57
N LYS A 266 20.28 13.25 -0.93
CA LYS A 266 21.43 12.64 -1.57
C LYS A 266 21.16 11.26 -2.20
N ASN A 267 20.15 10.53 -1.70
CA ASN A 267 19.81 9.19 -2.22
C ASN A 267 18.69 9.24 -3.27
N LEU A 268 18.09 10.42 -3.53
CA LEU A 268 17.00 10.51 -4.53
C LEU A 268 17.42 10.18 -5.96
N GLN A 269 16.80 9.14 -6.55
CA GLN A 269 17.05 8.70 -7.92
C GLN A 269 15.95 9.10 -8.90
N THR A 270 14.71 9.12 -8.44
CA THR A 270 13.54 9.38 -9.28
C THR A 270 12.65 10.43 -8.65
N LEU A 271 12.37 11.45 -9.45
CA LEU A 271 11.51 12.56 -9.05
C LEU A 271 10.47 12.78 -10.14
N PHE A 272 9.21 12.62 -9.80
CA PHE A 272 8.08 12.83 -10.70
C PHE A 272 7.44 14.16 -10.29
N LEU A 273 7.46 15.14 -11.19
CA LEU A 273 6.90 16.46 -10.90
C LEU A 273 5.98 16.98 -12.00
N SER A 274 5.51 16.09 -12.90
CA SER A 274 4.61 16.48 -13.98
CA SER A 274 4.62 16.51 -13.97
C SER A 274 3.26 16.99 -13.49
N ASN A 275 2.67 17.93 -14.22
CA ASN A 275 1.36 18.44 -13.88
C ASN A 275 1.33 19.15 -12.54
N ASN A 276 2.12 20.19 -12.44
CA ASN A 276 2.16 21.07 -11.27
C ASN A 276 2.08 22.53 -11.77
N GLN A 277 2.47 23.49 -10.94
CA GLN A 277 2.43 24.91 -11.33
C GLN A 277 3.82 25.53 -11.18
N LEU A 278 4.87 24.71 -11.40
CA LEU A 278 6.24 25.15 -11.18
C LEU A 278 6.65 26.27 -12.10
N THR A 279 6.98 27.44 -11.50
CA THR A 279 7.44 28.59 -12.29
C THR A 279 8.95 28.68 -12.28
N ILE A 280 9.59 28.11 -11.25
CA ILE A 280 11.06 28.13 -11.08
C ILE A 280 11.50 26.91 -10.27
N LEU A 281 12.74 26.49 -10.52
CA LEU A 281 13.41 25.44 -9.76
C LEU A 281 14.58 26.05 -9.04
N PRO A 282 14.82 25.73 -7.75
CA PRO A 282 15.98 26.30 -7.06
C PRO A 282 17.28 25.81 -7.65
N GLN A 283 18.32 26.64 -7.60
CA GLN A 283 19.64 26.23 -8.10
C GLN A 283 20.15 24.96 -7.41
N GLU A 284 19.61 24.66 -6.20
CA GLU A 284 19.95 23.49 -5.41
C GLU A 284 19.47 22.17 -6.04
N ILE A 285 18.60 22.21 -7.08
CA ILE A 285 18.18 21.01 -7.84
C ILE A 285 19.44 20.26 -8.36
N GLY A 286 20.48 21.03 -8.72
CA GLY A 286 21.75 20.49 -9.19
C GLY A 286 22.57 19.70 -8.18
N LYS A 287 22.22 19.73 -6.88
CA LYS A 287 22.93 19.00 -5.81
C LYS A 287 22.40 17.56 -5.63
N LEU A 288 21.37 17.17 -6.42
CA LEU A 288 20.76 15.83 -6.39
C LEU A 288 21.61 14.87 -7.20
N LYS A 289 22.79 14.54 -6.63
CA LYS A 289 23.85 13.74 -7.23
C LYS A 289 23.42 12.37 -7.71
N ASN A 290 22.48 11.71 -7.02
CA ASN A 290 22.05 10.37 -7.43
C ASN A 290 20.84 10.37 -8.33
N LEU A 291 20.29 11.56 -8.71
CA LEU A 291 19.12 11.66 -9.56
C LEU A 291 19.37 11.10 -10.97
N LEU A 292 18.53 10.15 -11.35
CA LEU A 292 18.57 9.43 -12.62
C LEU A 292 17.43 9.83 -13.52
N TRP A 293 16.24 10.04 -12.94
CA TRP A 293 15.02 10.39 -13.68
C TRP A 293 14.36 11.62 -13.10
N LEU A 294 13.99 12.54 -13.99
CA LEU A 294 13.28 13.74 -13.57
C LEU A 294 12.24 14.10 -14.63
N SER A 295 10.97 14.15 -14.23
CA SER A 295 9.92 14.58 -15.12
C SER A 295 9.24 15.86 -14.61
N LEU A 296 9.15 16.87 -15.47
CA LEU A 296 8.57 18.17 -15.15
C LEU A 296 7.56 18.58 -16.24
N VAL A 297 7.01 17.59 -16.97
CA VAL A 297 6.01 17.79 -18.04
C VAL A 297 4.84 18.60 -17.54
N TYR A 298 4.33 19.55 -18.35
CA TYR A 298 3.15 20.36 -17.99
C TYR A 298 3.32 21.18 -16.69
N ASN A 299 4.22 22.15 -16.72
CA ASN A 299 4.46 23.12 -15.66
C ASN A 299 4.57 24.49 -16.34
N GLN A 300 4.94 25.53 -15.60
CA GLN A 300 5.07 26.90 -16.15
C GLN A 300 6.55 27.32 -16.23
N LEU A 301 7.46 26.38 -16.50
CA LEU A 301 8.88 26.70 -16.51
C LEU A 301 9.30 27.44 -17.76
N THR A 302 10.02 28.56 -17.60
CA THR A 302 10.54 29.34 -18.73
C THR A 302 12.06 29.14 -18.88
N THR A 303 12.73 28.69 -17.81
CA THR A 303 14.18 28.47 -17.81
C THR A 303 14.54 27.41 -16.77
N LEU A 304 15.80 27.00 -16.75
CA LEU A 304 16.38 26.11 -15.76
C LEU A 304 17.71 26.72 -15.28
N PRO A 305 18.04 26.59 -13.99
CA PRO A 305 19.31 27.18 -13.51
C PRO A 305 20.49 26.43 -14.16
N ASN A 306 21.61 27.14 -14.36
N ASN A 306 21.61 27.14 -14.42
CA ASN A 306 22.86 26.60 -14.93
CA ASN A 306 22.77 26.50 -15.05
C ASN A 306 23.32 25.37 -14.16
C ASN A 306 23.36 25.37 -14.17
N GLU A 307 23.00 25.34 -12.86
CA GLU A 307 23.38 24.27 -11.91
C GLU A 307 22.80 22.89 -12.27
N ILE A 308 21.84 22.80 -13.22
CA ILE A 308 21.37 21.49 -13.72
C ILE A 308 22.56 20.73 -14.35
N GLU A 309 23.58 21.44 -14.88
CA GLU A 309 24.78 20.80 -15.45
C GLU A 309 25.52 19.91 -14.44
N GLN A 310 25.27 20.10 -13.12
CA GLN A 310 25.86 19.30 -12.05
C GLN A 310 25.20 17.89 -11.95
N LEU A 311 24.03 17.70 -12.60
CA LEU A 311 23.31 16.42 -12.57
C LEU A 311 23.97 15.44 -13.53
N LYS A 312 25.18 14.98 -13.16
CA LYS A 312 26.03 14.10 -13.95
C LYS A 312 25.45 12.71 -14.20
N ASN A 313 24.62 12.21 -13.27
CA ASN A 313 23.98 10.89 -13.37
C ASN A 313 22.62 10.93 -14.03
N LEU A 314 22.08 12.14 -14.32
CA LEU A 314 20.76 12.31 -14.93
C LEU A 314 20.71 11.66 -16.30
N GLN A 315 19.84 10.67 -16.45
CA GLN A 315 19.71 9.88 -17.70
C GLN A 315 18.50 10.31 -18.51
N THR A 316 17.41 10.66 -17.82
CA THR A 316 16.17 11.03 -18.45
C THR A 316 15.61 12.31 -17.86
N LEU A 317 15.22 13.23 -18.76
CA LEU A 317 14.62 14.50 -18.34
C LEU A 317 13.45 14.91 -19.27
N TYR A 318 12.20 14.85 -18.75
CA TYR A 318 11.01 15.22 -19.52
C TYR A 318 10.65 16.69 -19.23
N LEU A 319 10.60 17.51 -20.29
CA LEU A 319 10.38 18.95 -20.19
C LEU A 319 9.22 19.47 -21.05
N ASN A 320 8.46 18.53 -21.65
CA ASN A 320 7.31 18.85 -22.52
C ASN A 320 6.28 19.73 -21.86
N ASN A 321 5.60 20.57 -22.66
CA ASN A 321 4.50 21.41 -22.25
C ASN A 321 4.84 22.36 -21.12
N ASN A 322 5.92 23.07 -21.31
CA ASN A 322 6.32 24.10 -20.38
C ASN A 322 6.23 25.44 -21.13
N GLN A 323 7.06 26.42 -20.75
CA GLN A 323 7.03 27.74 -21.38
C GLN A 323 8.42 28.13 -21.86
N PHE A 324 9.17 27.14 -22.39
CA PHE A 324 10.54 27.33 -22.86
C PHE A 324 10.57 27.85 -24.28
N SER A 325 11.45 28.85 -24.50
CA SER A 325 11.65 29.40 -25.84
C SER A 325 12.61 28.48 -26.57
N SER A 326 12.64 28.55 -27.91
CA SER A 326 13.55 27.73 -28.72
C SER A 326 15.00 27.97 -28.31
N GLN A 327 15.32 29.19 -27.81
CA GLN A 327 16.65 29.58 -27.33
C GLN A 327 16.98 28.88 -26.01
N GLU A 328 15.98 28.76 -25.12
CA GLU A 328 16.12 28.08 -23.83
C GLU A 328 16.33 26.57 -24.03
N LYS A 329 15.54 25.95 -24.93
CA LYS A 329 15.64 24.52 -25.25
C LYS A 329 17.07 24.21 -25.70
N LYS A 330 17.63 25.03 -26.60
CA LYS A 330 19.00 24.92 -27.12
C LYS A 330 20.03 25.03 -25.99
N ARG A 331 19.87 26.04 -25.08
CA ARG A 331 20.74 26.24 -23.93
C ARG A 331 20.74 25.03 -22.99
N ILE A 332 19.54 24.50 -22.65
CA ILE A 332 19.36 23.34 -21.76
C ILE A 332 20.07 22.07 -22.33
N ARG A 333 19.95 21.83 -23.65
CA ARG A 333 20.62 20.72 -24.37
C ARG A 333 22.13 20.69 -24.14
N LYS A 334 22.77 21.88 -24.12
CA LYS A 334 24.21 22.08 -23.94
C LYS A 334 24.65 21.82 -22.52
N LEU A 335 23.79 22.13 -21.54
CA LEU A 335 24.05 21.90 -20.10
C LEU A 335 24.07 20.43 -19.75
N LEU A 336 23.25 19.62 -20.46
CA LEU A 336 23.15 18.18 -20.18
C LEU A 336 23.35 17.29 -21.43
N PRO A 337 24.61 17.21 -21.95
CA PRO A 337 24.87 16.38 -23.16
C PRO A 337 24.82 14.85 -22.97
N LYS A 338 24.86 14.36 -21.73
CA LYS A 338 24.81 12.92 -21.46
C LYS A 338 23.40 12.44 -21.10
N CYS A 339 22.44 13.39 -21.02
CA CYS A 339 21.05 13.15 -20.62
C CYS A 339 20.13 13.11 -21.78
N GLN A 340 19.15 12.18 -21.74
CA GLN A 340 18.11 12.10 -22.78
C GLN A 340 17.04 13.13 -22.41
N ILE A 341 16.94 14.20 -23.23
CA ILE A 341 16.04 15.31 -22.95
C ILE A 341 14.90 15.36 -23.97
N TYR A 342 13.67 15.48 -23.45
CA TYR A 342 12.44 15.59 -24.22
C TYR A 342 11.83 16.95 -24.04
N PHE A 343 11.63 17.70 -25.15
CA PHE A 343 11.03 19.05 -25.12
C PHE A 343 9.64 19.07 -25.75
N ASP A 344 9.41 18.20 -26.72
CA ASP A 344 8.14 18.10 -27.47
C ASP A 344 7.83 16.62 -27.79
ZN ZN B . -18.69 -28.01 16.13
ZN ZN C . -4.33 -5.36 -1.42
ZN ZN D . -12.80 -0.52 21.22
ZN ZN E . -8.13 -2.67 -5.13
CL CL F . 5.83 12.62 -13.68
CL CL G . -3.35 -3.04 -1.30
CL CL H . -5.74 -1.51 -6.77
#